data_6UP0
#
_entry.id   6UP0
#
_cell.length_a   62.284
_cell.length_b   66.921
_cell.length_c   76.628
_cell.angle_alpha   90.000
_cell.angle_beta   90.000
_cell.angle_gamma   90.000
#
_symmetry.space_group_name_H-M   'P 21 21 21'
#
loop_
_entity.id
_entity.type
_entity.pdbx_description
1 polymer 'Mango-III fluorescent aptamer'
2 non-polymer 'MAGNESIUM ION'
3 non-polymer YO3-biotin
4 non-polymer 'POTASSIUM ION'
#
_entity_poly.entity_id   1
_entity_poly.type   'polyribonucleotide'
_entity_poly.pdbx_seq_one_letter_code
;GCUACGAAGGAAGGAUUGGUAUGUGGUAUAUUCGUAGC
;
_entity_poly.pdbx_strand_id   C,D
#